data_9HWT
#
_entry.id   9HWT
#
_cell.length_a   103.465
_cell.length_b   103.465
_cell.length_c   54.541
_cell.angle_alpha   90.000
_cell.angle_beta   90.000
_cell.angle_gamma   120.000
#
_symmetry.space_group_name_H-M   'P 61'
#
loop_
_entity.id
_entity.type
_entity.pdbx_description
1 polymer 'Kelch-like ECH-associated protein 1'
2 non-polymer '(3~{S})-3-[7-[2-(cycloheptylamino)-2-oxidanylidene-ethoxy]naphthalen-2-yl]-3-(6-methyl-1,3-benzodioxol-5-yl)propanoic acid'
3 non-polymer 'SULFATE ION'
4 non-polymer 'DIMETHYL SULFOXIDE'
5 non-polymer 'CHLORIDE ION'
6 water water
#
_entity_poly.entity_id   1
_entity_poly.type   'polypeptide(L)'
_entity_poly.pdbx_seq_one_letter_code
;GPKVGRLIYTAGGYFRQSLSYLEAYNPSNGSWLRLADLQVPRSGLAGCVVGGLLYAVGGRNNSPDGNTDSSALDCYNPMT
NQWSPCASMSVPRNRIGVGVIDGHIYAVGGSHGCIHHSSVERYEPERDEWHLVAPMLTRRIGVGVAVLNRLLYAVGGFDG
TNRLNSAECYYPERNEWRMITPMNTIRSGAGVCVLHNCIYAAGGYDGQDQLNSVERYDVETETWTFVAPMRHHRSALGIT
VHQGKIYVLGGYDGHTFLDSVECYDPDSDTWSEVTRMTSGRSGVGVAVTMEPCRKQIDQQNCTC
;
_entity_poly.pdbx_strand_id   A
#
loop_
_chem_comp.id
_chem_comp.type
_chem_comp.name
_chem_comp.formula
A1IX4 non-polymer '(3~{S})-3-[7-[2-(cycloheptylamino)-2-oxidanylidene-ethoxy]naphthalen-2-yl]-3-(6-methyl-1,3-benzodioxol-5-yl)propanoic acid' 'C30 H33 N O6'
CL non-polymer 'CHLORIDE ION' 'Cl -1'
DMS non-polymer 'DIMETHYL SULFOXIDE' 'C2 H6 O S'
SO4 non-polymer 'SULFATE ION' 'O4 S -2'
#
# COMPACT_ATOMS: atom_id res chain seq x y z
N LYS A 3 -10.93 12.88 15.70
CA LYS A 3 -9.58 12.66 15.21
C LYS A 3 -8.74 11.83 16.18
N VAL A 4 -9.11 11.86 17.47
CA VAL A 4 -8.33 11.19 18.50
C VAL A 4 -8.61 9.69 18.45
N GLY A 5 -7.69 8.92 19.03
CA GLY A 5 -7.88 7.50 19.16
C GLY A 5 -7.68 6.71 17.90
N ARG A 6 -6.95 7.24 16.91
CA ARG A 6 -6.63 6.53 15.68
C ARG A 6 -5.23 5.93 15.77
N LEU A 7 -5.10 4.68 15.33
CA LEU A 7 -3.84 3.97 15.36
C LEU A 7 -3.40 3.64 13.93
N ILE A 8 -2.10 3.46 13.74
CA ILE A 8 -1.57 2.97 12.47
C ILE A 8 -1.50 1.45 12.54
N TYR A 9 -2.27 0.77 11.68
CA TYR A 9 -2.30 -0.69 11.66
C TYR A 9 -1.37 -1.21 10.57
N THR A 10 -0.59 -2.25 10.90
CA THR A 10 0.20 -2.95 9.91
C THR A 10 -0.18 -4.42 9.88
N ALA A 11 -0.51 -4.92 8.70
CA ALA A 11 -1.00 -6.29 8.53
C ALA A 11 -0.09 -7.07 7.61
N GLY A 12 0.25 -8.30 8.00
CA GLY A 12 0.96 -9.22 7.14
C GLY A 12 2.40 -8.78 6.98
N GLY A 13 2.98 -9.17 5.87
CA GLY A 13 4.32 -8.81 5.51
C GLY A 13 5.17 -10.04 5.27
N TYR A 14 6.47 -9.80 5.20
CA TYR A 14 7.38 -10.86 4.82
C TYR A 14 8.69 -10.75 5.57
N PHE A 15 9.10 -11.89 6.16
CA PHE A 15 10.45 -12.06 6.66
C PHE A 15 10.71 -13.57 6.66
N ARG A 16 11.51 -14.02 5.70
CA ARG A 16 11.78 -15.45 5.51
C ARG A 16 10.57 -16.15 4.92
N GLN A 17 9.36 -15.79 5.37
CA GLN A 17 8.10 -16.27 4.81
C GLN A 17 7.05 -15.19 5.03
N SER A 18 5.87 -15.39 4.43
CA SER A 18 4.78 -14.45 4.63
C SER A 18 4.27 -14.60 6.05
N LEU A 19 3.79 -13.46 6.59
CA LEU A 19 3.47 -13.31 8.00
C LEU A 19 1.99 -13.03 8.21
N SER A 20 1.47 -13.45 9.36
CA SER A 20 0.07 -13.23 9.70
CA SER A 20 0.07 -13.20 9.68
C SER A 20 -0.12 -12.09 10.68
N TYR A 21 0.95 -11.35 11.02
CA TYR A 21 0.82 -10.36 12.09
C TYR A 21 -0.16 -9.23 11.76
N LEU A 22 -0.90 -8.82 12.78
CA LEU A 22 -1.65 -7.57 12.79
C LEU A 22 -1.17 -6.82 14.03
N GLU A 23 -0.49 -5.68 13.83
CA GLU A 23 0.02 -4.87 14.95
C GLU A 23 -0.40 -3.41 14.73
N ALA A 24 -0.60 -2.69 15.82
CA ALA A 24 -1.10 -1.32 15.71
C ALA A 24 -0.22 -0.42 16.55
N TYR A 25 0.17 0.71 15.98
CA TYR A 25 1.07 1.67 16.60
C TYR A 25 0.29 2.93 16.94
N ASN A 26 0.49 3.45 18.14
CA ASN A 26 -0.14 4.70 18.56
C ASN A 26 0.86 5.82 18.49
N PRO A 27 0.82 6.69 17.47
CA PRO A 27 1.83 7.76 17.38
C PRO A 27 1.81 8.72 18.56
N SER A 28 0.73 8.71 19.35
N SER A 28 0.74 8.70 19.35
CA SER A 28 0.62 9.67 20.45
CA SER A 28 0.61 9.65 20.44
C SER A 28 1.37 9.22 21.69
C SER A 28 1.35 9.21 21.70
N ASN A 29 1.58 7.91 21.89
CA ASN A 29 2.29 7.43 23.07
C ASN A 29 3.38 6.41 22.79
N GLY A 30 3.66 6.09 21.52
CA GLY A 30 4.76 5.20 21.17
C GLY A 30 4.46 3.72 21.33
N SER A 31 3.22 3.36 21.67
CA SER A 31 2.86 1.99 22.01
C SER A 31 2.55 1.16 20.77
N TRP A 32 2.86 -0.13 20.87
CA TRP A 32 2.54 -1.13 19.85
C TRP A 32 1.62 -2.18 20.48
N LEU A 33 0.61 -2.62 19.74
CA LEU A 33 -0.32 -3.64 20.17
C LEU A 33 -0.27 -4.77 19.17
N ARG A 34 -0.24 -6.01 19.65
CA ARG A 34 -0.38 -7.18 18.78
C ARG A 34 -1.83 -7.63 18.84
N LEU A 35 -2.49 -7.65 17.69
CA LEU A 35 -3.91 -7.96 17.58
C LEU A 35 -4.12 -9.28 16.84
N ALA A 36 -5.39 -9.55 16.49
CA ALA A 36 -5.72 -10.84 15.90
C ALA A 36 -4.93 -11.11 14.61
N ASP A 37 -4.30 -12.29 14.55
CA ASP A 37 -3.60 -12.70 13.33
C ASP A 37 -4.55 -12.76 12.15
N LEU A 38 -4.03 -12.41 10.96
CA LEU A 38 -4.70 -12.81 9.72
C LEU A 38 -4.96 -14.31 9.73
N GLN A 39 -6.11 -14.71 9.15
CA GLN A 39 -6.43 -16.13 9.01
C GLN A 39 -5.39 -16.84 8.14
N VAL A 40 -4.91 -16.17 7.09
CA VAL A 40 -3.91 -16.67 6.16
C VAL A 40 -2.76 -15.68 6.12
N PRO A 41 -1.52 -16.10 6.38
CA PRO A 41 -0.38 -15.18 6.28
C PRO A 41 -0.28 -14.67 4.86
N ARG A 42 0.02 -13.39 4.72
CA ARG A 42 0.08 -12.81 3.39
C ARG A 42 1.10 -11.69 3.39
N SER A 43 1.92 -11.65 2.33
CA SER A 43 2.72 -10.48 1.99
C SER A 43 2.23 -9.91 0.67
N GLY A 44 2.66 -8.69 0.37
CA GLY A 44 2.27 -8.10 -0.89
C GLY A 44 0.82 -7.74 -0.96
N LEU A 45 0.15 -7.63 0.18
CA LEU A 45 -1.23 -7.21 0.30
C LEU A 45 -1.31 -5.68 0.50
N ALA A 46 -2.52 -5.17 0.40
CA ALA A 46 -2.74 -3.75 0.66
C ALA A 46 -3.80 -3.65 1.75
N GLY A 47 -3.70 -2.59 2.55
CA GLY A 47 -4.69 -2.32 3.56
C GLY A 47 -5.41 -1.02 3.24
N CYS A 48 -6.67 -0.96 3.64
CA CYS A 48 -7.41 0.28 3.57
C CYS A 48 -8.52 0.22 4.59
N VAL A 49 -9.18 1.35 4.79
CA VAL A 49 -10.24 1.44 5.78
C VAL A 49 -11.46 2.08 5.16
N VAL A 50 -12.62 1.47 5.38
CA VAL A 50 -13.91 2.02 5.00
C VAL A 50 -14.87 1.83 6.16
N GLY A 51 -15.54 2.90 6.58
CA GLY A 51 -16.50 2.79 7.66
C GLY A 51 -15.92 2.18 8.92
N GLY A 52 -14.69 2.56 9.27
CA GLY A 52 -14.08 2.08 10.48
C GLY A 52 -13.60 0.64 10.46
N LEU A 53 -13.84 -0.09 9.37
CA LEU A 53 -13.37 -1.46 9.23
C LEU A 53 -12.05 -1.47 8.45
N LEU A 54 -11.16 -2.35 8.86
CA LEU A 54 -9.86 -2.50 8.22
C LEU A 54 -9.96 -3.64 7.22
N TYR A 55 -9.56 -3.38 5.99
CA TYR A 55 -9.60 -4.38 4.94
C TYR A 55 -8.19 -4.78 4.53
N ALA A 56 -7.96 -6.07 4.40
CA ALA A 56 -6.74 -6.63 3.82
C ALA A 56 -7.08 -7.26 2.49
N VAL A 57 -6.40 -6.84 1.44
CA VAL A 57 -6.75 -7.15 0.06
C VAL A 57 -5.56 -7.81 -0.63
N GLY A 58 -5.80 -8.99 -1.21
CA GLY A 58 -4.85 -9.67 -2.05
C GLY A 58 -3.58 -10.08 -1.32
N GLY A 59 -2.49 -10.09 -2.08
CA GLY A 59 -1.19 -10.56 -1.59
C GLY A 59 -0.89 -11.98 -2.02
N ARG A 60 0.02 -12.59 -1.25
CA ARG A 60 0.46 -13.94 -1.52
C ARG A 60 0.84 -14.59 -0.20
N ASN A 61 0.51 -15.87 -0.06
CA ASN A 61 1.03 -16.64 1.07
C ASN A 61 2.29 -17.38 0.60
N ASN A 62 3.48 -16.88 0.98
CA ASN A 62 4.75 -17.56 0.75
C ASN A 62 5.04 -18.44 1.96
N SER A 63 5.23 -19.73 1.75
CA SER A 63 5.48 -20.63 2.87
C SER A 63 6.41 -21.74 2.41
N PRO A 64 7.01 -22.47 3.35
N PRO A 64 7.03 -22.46 3.35
CA PRO A 64 7.83 -23.63 2.94
CA PRO A 64 7.83 -23.63 2.95
C PRO A 64 7.06 -24.66 2.13
C PRO A 64 7.06 -24.64 2.12
N ASP A 65 5.72 -24.67 2.21
CA ASP A 65 4.90 -25.63 1.47
C ASP A 65 4.17 -25.02 0.29
N GLY A 66 4.68 -23.91 -0.27
CA GLY A 66 4.18 -23.36 -1.52
C GLY A 66 3.94 -21.87 -1.45
N ASN A 67 3.52 -21.33 -2.59
CA ASN A 67 3.16 -19.92 -2.72
C ASN A 67 1.82 -19.86 -3.43
N THR A 68 0.82 -19.26 -2.80
CA THR A 68 -0.52 -19.08 -3.37
C THR A 68 -0.82 -17.60 -3.43
N ASP A 69 -1.06 -17.07 -4.63
CA ASP A 69 -1.54 -15.70 -4.78
C ASP A 69 -2.98 -15.62 -4.30
N SER A 70 -3.32 -14.51 -3.66
CA SER A 70 -4.57 -14.39 -2.94
C SER A 70 -5.55 -13.50 -3.70
N SER A 71 -6.80 -13.95 -3.82
CA SER A 71 -7.90 -13.08 -4.24
C SER A 71 -8.73 -12.59 -3.07
N ALA A 72 -8.21 -12.75 -1.86
CA ALA A 72 -9.01 -12.58 -0.66
C ALA A 72 -9.23 -11.11 -0.34
N LEU A 73 -10.41 -10.86 0.23
CA LEU A 73 -10.73 -9.61 0.88
C LEU A 73 -11.20 -9.99 2.29
N ASP A 74 -10.43 -9.63 3.30
CA ASP A 74 -10.79 -9.92 4.68
C ASP A 74 -10.98 -8.61 5.43
N CYS A 75 -11.90 -8.62 6.37
N CYS A 75 -11.94 -8.59 6.34
CA CYS A 75 -12.33 -7.42 7.08
CA CYS A 75 -12.28 -7.37 7.05
C CYS A 75 -12.11 -7.61 8.57
C CYS A 75 -12.08 -7.60 8.53
N TYR A 76 -11.41 -6.66 9.18
CA TYR A 76 -11.12 -6.69 10.61
C TYR A 76 -11.92 -5.60 11.30
N ASN A 77 -12.67 -5.98 12.33
CA ASN A 77 -13.43 -5.00 13.10
C ASN A 77 -12.69 -4.70 14.39
N PRO A 78 -12.19 -3.49 14.60
CA PRO A 78 -11.45 -3.19 15.85
C PRO A 78 -12.30 -3.36 17.09
N MET A 79 -13.62 -3.24 16.97
CA MET A 79 -14.47 -3.39 18.14
C MET A 79 -14.45 -4.83 18.65
N THR A 80 -14.28 -5.80 17.76
CA THR A 80 -14.34 -7.20 18.14
C THR A 80 -12.98 -7.90 18.11
N ASN A 81 -11.96 -7.26 17.55
CA ASN A 81 -10.66 -7.91 17.33
C ASN A 81 -10.82 -9.22 16.60
N GLN A 82 -11.74 -9.22 15.62
CA GLN A 82 -12.03 -10.40 14.81
C GLN A 82 -11.92 -10.05 13.33
N TRP A 83 -11.34 -10.99 12.57
CA TRP A 83 -11.34 -10.94 11.12
C TRP A 83 -12.54 -11.73 10.60
N SER A 84 -13.16 -11.23 9.53
CA SER A 84 -14.26 -11.89 8.86
C SER A 84 -13.97 -11.95 7.36
N PRO A 85 -14.31 -13.06 6.71
N PRO A 85 -14.27 -13.07 6.71
CA PRO A 85 -14.16 -13.11 5.26
CA PRO A 85 -14.12 -13.11 5.26
C PRO A 85 -15.19 -12.24 4.56
C PRO A 85 -15.18 -12.26 4.55
N CYS A 86 -14.74 -11.49 3.55
CA CYS A 86 -15.61 -10.79 2.63
C CYS A 86 -15.54 -11.44 1.26
N ALA A 87 -16.37 -10.97 0.34
CA ALA A 87 -16.37 -11.52 -1.02
C ALA A 87 -14.97 -11.42 -1.62
N SER A 88 -14.58 -12.47 -2.35
CA SER A 88 -13.28 -12.49 -2.99
C SER A 88 -13.30 -11.76 -4.34
N MET A 89 -12.13 -11.30 -4.72
CA MET A 89 -11.92 -10.66 -6.01
C MET A 89 -12.06 -11.66 -7.15
N SER A 90 -12.20 -11.12 -8.37
CA SER A 90 -12.33 -11.97 -9.54
C SER A 90 -11.05 -12.75 -9.85
N VAL A 91 -9.90 -12.27 -9.37
N VAL A 91 -9.90 -12.25 -9.39
CA VAL A 91 -8.61 -12.86 -9.72
CA VAL A 91 -8.61 -12.85 -9.72
C VAL A 91 -7.65 -12.64 -8.57
C VAL A 91 -7.67 -12.67 -8.53
N PRO A 92 -6.69 -13.55 -8.34
CA PRO A 92 -5.65 -13.28 -7.33
C PRO A 92 -4.82 -12.08 -7.75
N ARG A 93 -4.36 -11.31 -6.77
CA ARG A 93 -3.55 -10.11 -7.01
C ARG A 93 -2.48 -9.99 -5.92
N ASN A 94 -1.29 -10.47 -6.20
CA ASN A 94 -0.11 -10.23 -5.36
C ASN A 94 0.56 -8.91 -5.78
N ARG A 95 1.10 -8.19 -4.81
N ARG A 95 1.11 -8.20 -4.81
CA ARG A 95 1.78 -6.94 -5.07
CA ARG A 95 1.78 -6.91 -5.04
C ARG A 95 0.79 -5.95 -5.68
C ARG A 95 0.78 -5.95 -5.68
N ILE A 96 -0.38 -5.90 -5.03
CA ILE A 96 -1.52 -5.10 -5.44
C ILE A 96 -1.41 -3.67 -4.94
N GLY A 97 -2.18 -2.78 -5.55
CA GLY A 97 -2.44 -1.46 -4.99
C GLY A 97 -3.92 -1.26 -4.80
N VAL A 98 -4.30 -0.51 -3.75
N VAL A 98 -4.29 -0.46 -3.80
CA VAL A 98 -5.71 -0.24 -3.49
CA VAL A 98 -5.68 -0.24 -3.42
C VAL A 98 -5.93 1.24 -3.19
C VAL A 98 -5.93 1.24 -3.16
N GLY A 99 -7.11 1.71 -3.57
CA GLY A 99 -7.54 3.07 -3.24
C GLY A 99 -9.02 3.05 -2.95
N VAL A 100 -9.45 4.01 -2.14
CA VAL A 100 -10.84 4.12 -1.74
C VAL A 100 -11.42 5.41 -2.29
N ILE A 101 -12.58 5.30 -2.94
CA ILE A 101 -13.33 6.46 -3.40
C ILE A 101 -14.77 6.29 -3.00
N ASP A 102 -15.31 7.27 -2.28
CA ASP A 102 -16.72 7.30 -1.93
C ASP A 102 -17.19 5.96 -1.39
N GLY A 103 -16.41 5.41 -0.45
CA GLY A 103 -16.80 4.18 0.24
C GLY A 103 -16.60 2.90 -0.54
N HIS A 104 -15.98 2.98 -1.71
CA HIS A 104 -15.74 1.81 -2.56
C HIS A 104 -14.25 1.54 -2.65
N ILE A 105 -13.87 0.27 -2.64
CA ILE A 105 -12.46 -0.13 -2.70
C ILE A 105 -12.11 -0.48 -4.13
N TYR A 106 -11.06 0.10 -4.66
CA TYR A 106 -10.56 -0.26 -5.97
C TYR A 106 -9.30 -1.09 -5.80
N ALA A 107 -9.30 -2.29 -6.38
CA ALA A 107 -8.13 -3.16 -6.41
C ALA A 107 -7.50 -3.06 -7.78
N VAL A 108 -6.22 -2.77 -7.82
CA VAL A 108 -5.50 -2.35 -9.03
C VAL A 108 -4.33 -3.30 -9.28
N GLY A 109 -4.31 -3.92 -10.46
CA GLY A 109 -3.08 -4.55 -10.85
C GLY A 109 -2.71 -5.77 -10.00
N GLY A 110 -1.41 -5.96 -9.80
CA GLY A 110 -0.93 -7.14 -9.10
C GLY A 110 -0.66 -8.30 -10.04
N SER A 111 -0.05 -9.35 -9.48
CA SER A 111 0.34 -10.51 -10.27
C SER A 111 -0.46 -11.74 -9.85
N HIS A 112 -0.51 -12.70 -10.76
CA HIS A 112 -1.03 -14.05 -10.53
C HIS A 112 -0.10 -14.98 -11.27
N GLY A 113 0.75 -15.70 -10.54
CA GLY A 113 1.78 -16.45 -11.22
C GLY A 113 2.56 -15.47 -12.06
N CYS A 114 2.78 -15.82 -13.33
N CYS A 114 2.78 -15.84 -13.33
CA CYS A 114 3.54 -14.95 -14.22
CA CYS A 114 3.52 -15.02 -14.27
C CYS A 114 2.67 -13.91 -14.92
C CYS A 114 2.66 -13.97 -14.98
N ILE A 115 1.37 -13.87 -14.65
CA ILE A 115 0.51 -12.86 -15.25
C ILE A 115 0.71 -11.55 -14.49
N HIS A 116 0.88 -10.46 -15.21
CA HIS A 116 0.89 -9.13 -14.64
C HIS A 116 -0.39 -8.42 -15.07
N HIS A 117 -1.24 -8.10 -14.11
CA HIS A 117 -2.57 -7.57 -14.43
C HIS A 117 -2.56 -6.10 -14.84
N SER A 118 -3.33 -5.77 -15.87
CA SER A 118 -3.82 -4.39 -16.02
C SER A 118 -5.22 -4.22 -15.46
N SER A 119 -5.92 -5.33 -15.16
CA SER A 119 -7.31 -5.28 -14.69
C SER A 119 -7.45 -4.57 -13.34
N VAL A 120 -8.66 -4.02 -13.15
CA VAL A 120 -9.03 -3.22 -11.98
C VAL A 120 -10.46 -3.60 -11.62
N GLU A 121 -10.73 -3.73 -10.32
CA GLU A 121 -12.08 -4.03 -9.89
C GLU A 121 -12.44 -3.24 -8.65
N ARG A 122 -13.73 -3.10 -8.42
CA ARG A 122 -14.27 -2.18 -7.43
C ARG A 122 -15.21 -2.94 -6.51
N TYR A 123 -15.00 -2.78 -5.20
CA TYR A 123 -15.80 -3.45 -4.19
C TYR A 123 -16.77 -2.48 -3.54
N GLU A 124 -18.01 -2.96 -3.35
CA GLU A 124 -19.10 -2.22 -2.76
C GLU A 124 -19.41 -2.85 -1.41
N PRO A 125 -18.99 -2.25 -0.30
CA PRO A 125 -19.25 -2.87 1.00
C PRO A 125 -20.71 -3.09 1.26
N GLU A 126 -21.57 -2.21 0.76
CA GLU A 126 -22.99 -2.29 1.08
C GLU A 126 -23.65 -3.49 0.42
N ARG A 127 -23.06 -4.03 -0.64
CA ARG A 127 -23.57 -5.22 -1.30
C ARG A 127 -22.65 -6.43 -1.17
N ASP A 128 -21.47 -6.28 -0.57
CA ASP A 128 -20.47 -7.36 -0.51
C ASP A 128 -20.26 -7.99 -1.88
N GLU A 129 -19.98 -7.14 -2.87
CA GLU A 129 -19.79 -7.56 -4.25
C GLU A 129 -18.64 -6.80 -4.88
N TRP A 130 -17.89 -7.49 -5.73
CA TRP A 130 -16.88 -6.89 -6.59
C TRP A 130 -17.39 -6.84 -8.02
N HIS A 131 -16.95 -5.84 -8.76
CA HIS A 131 -17.23 -5.72 -10.20
C HIS A 131 -16.03 -5.11 -10.90
N LEU A 132 -15.76 -5.61 -12.11
CA LEU A 132 -14.61 -5.12 -12.87
C LEU A 132 -14.93 -3.72 -13.42
N VAL A 133 -13.90 -2.89 -13.50
CA VAL A 133 -14.00 -1.60 -14.17
C VAL A 133 -12.97 -1.59 -15.28
N ALA A 134 -12.75 -0.44 -15.89
CA ALA A 134 -11.85 -0.33 -17.03
C ALA A 134 -10.44 -0.69 -16.59
N PRO A 135 -9.70 -1.46 -17.37
CA PRO A 135 -8.33 -1.79 -17.02
C PRO A 135 -7.40 -0.62 -17.29
N MET A 136 -6.26 -0.64 -16.57
CA MET A 136 -5.24 0.36 -16.85
C MET A 136 -4.65 0.24 -18.25
N LEU A 137 -3.99 1.33 -18.65
CA LEU A 137 -3.28 1.36 -19.93
C LEU A 137 -2.01 0.51 -19.91
N THR A 138 -1.52 0.13 -18.72
CA THR A 138 -0.28 -0.62 -18.53
C THR A 138 -0.55 -1.70 -17.50
N ARG A 139 0.00 -2.88 -17.74
CA ARG A 139 0.05 -3.90 -16.70
C ARG A 139 1.00 -3.44 -15.60
N ARG A 140 0.58 -3.59 -14.33
CA ARG A 140 1.41 -3.07 -13.23
C ARG A 140 1.28 -3.96 -12.01
N ILE A 141 2.42 -4.46 -11.52
CA ILE A 141 2.53 -5.08 -10.21
C ILE A 141 3.51 -4.28 -9.39
N GLY A 142 3.44 -4.42 -8.07
CA GLY A 142 4.23 -3.51 -7.23
C GLY A 142 3.90 -2.06 -7.49
N VAL A 143 2.63 -1.82 -7.82
CA VAL A 143 2.09 -0.51 -8.20
C VAL A 143 1.70 0.25 -6.95
N GLY A 144 1.99 1.54 -6.91
CA GLY A 144 1.51 2.39 -5.83
C GLY A 144 0.21 3.04 -6.26
N VAL A 145 -0.75 3.09 -5.36
CA VAL A 145 -2.08 3.62 -5.65
C VAL A 145 -2.48 4.63 -4.58
N ALA A 146 -3.00 5.76 -5.02
CA ALA A 146 -3.54 6.72 -4.07
C ALA A 146 -4.70 7.44 -4.70
N VAL A 147 -5.51 8.05 -3.83
CA VAL A 147 -6.69 8.77 -4.26
C VAL A 147 -6.55 10.22 -3.85
N LEU A 148 -6.75 11.12 -4.81
CA LEU A 148 -6.74 12.54 -4.52
C LEU A 148 -7.91 13.13 -5.28
N ASN A 149 -8.75 13.90 -4.57
CA ASN A 149 -9.86 14.59 -5.23
C ASN A 149 -10.73 13.61 -6.01
N ARG A 150 -11.00 12.45 -5.41
CA ARG A 150 -11.85 11.41 -5.99
C ARG A 150 -11.38 10.99 -7.38
N LEU A 151 -10.08 11.02 -7.61
CA LEU A 151 -9.46 10.43 -8.80
C LEU A 151 -8.46 9.41 -8.28
N LEU A 152 -8.32 8.30 -8.98
CA LEU A 152 -7.48 7.17 -8.57
C LEU A 152 -6.20 7.16 -9.40
N TYR A 153 -5.04 7.13 -8.73
CA TYR A 153 -3.76 7.18 -9.41
C TYR A 153 -3.03 5.87 -9.24
N ALA A 154 -2.44 5.38 -10.32
CA ALA A 154 -1.59 4.18 -10.33
C ALA A 154 -0.19 4.61 -10.77
N VAL A 155 0.80 4.35 -9.92
CA VAL A 155 2.12 4.95 -10.02
C VAL A 155 3.17 3.86 -10.05
N GLY A 156 3.98 3.85 -11.11
CA GLY A 156 5.11 2.96 -11.20
C GLY A 156 4.71 1.50 -11.29
N GLY A 157 5.58 0.65 -10.73
CA GLY A 157 5.39 -0.79 -10.79
C GLY A 157 6.32 -1.49 -11.76
N PHE A 158 5.90 -2.71 -12.12
CA PHE A 158 6.65 -3.58 -13.02
C PHE A 158 5.64 -4.24 -13.96
N ASP A 159 5.88 -4.18 -15.29
CA ASP A 159 4.88 -4.66 -16.23
C ASP A 159 5.13 -6.09 -16.70
N GLY A 160 6.16 -6.73 -16.16
CA GLY A 160 6.58 -8.04 -16.61
C GLY A 160 7.87 -8.04 -17.38
N THR A 161 8.28 -6.90 -17.88
CA THR A 161 9.54 -6.74 -18.59
C THR A 161 10.35 -5.56 -18.07
N ASN A 162 9.70 -4.46 -17.77
CA ASN A 162 10.37 -3.22 -17.36
C ASN A 162 9.76 -2.73 -16.06
N ARG A 163 10.61 -2.24 -15.17
CA ARG A 163 10.14 -1.43 -14.07
C ARG A 163 9.81 -0.05 -14.63
N LEU A 164 8.85 0.63 -14.00
CA LEU A 164 8.20 1.78 -14.62
C LEU A 164 8.39 3.07 -13.85
N ASN A 165 8.59 4.18 -14.59
CA ASN A 165 8.39 5.49 -14.02
C ASN A 165 7.04 6.10 -14.40
N SER A 166 6.29 5.45 -15.29
CA SER A 166 5.01 5.99 -15.72
C SER A 166 3.95 5.96 -14.63
N ALA A 167 2.90 6.76 -14.84
CA ALA A 167 1.78 6.84 -13.91
C ALA A 167 0.53 7.19 -14.71
N GLU A 168 -0.61 6.84 -14.13
CA GLU A 168 -1.87 7.10 -14.84
C GLU A 168 -2.97 7.35 -13.84
N CYS A 169 -4.06 7.94 -14.32
CA CYS A 169 -5.15 8.41 -13.48
C CYS A 169 -6.45 7.86 -14.02
N TYR A 170 -7.32 7.40 -13.13
CA TYR A 170 -8.63 6.86 -13.47
C TYR A 170 -9.69 7.88 -13.11
N TYR A 171 -10.57 8.17 -14.06
CA TYR A 171 -11.68 9.10 -13.90
C TYR A 171 -12.96 8.29 -13.80
N PRO A 172 -13.52 8.13 -12.59
CA PRO A 172 -14.59 7.16 -12.43
C PRO A 172 -15.82 7.44 -13.28
N GLU A 173 -16.18 8.71 -13.46
CA GLU A 173 -17.42 9.02 -14.16
C GLU A 173 -17.32 8.77 -15.65
N ARG A 174 -16.10 8.64 -16.17
CA ARG A 174 -15.89 8.24 -17.55
C ARG A 174 -15.44 6.80 -17.70
N ASN A 175 -15.17 6.12 -16.59
CA ASN A 175 -14.58 4.78 -16.58
C ASN A 175 -13.42 4.69 -17.57
N GLU A 176 -12.44 5.56 -17.34
N GLU A 176 -12.45 5.58 -17.35
CA GLU A 176 -11.38 5.78 -18.30
CA GLU A 176 -11.38 5.78 -18.31
C GLU A 176 -10.08 6.08 -17.56
C GLU A 176 -10.08 6.10 -17.58
N TRP A 177 -8.97 5.52 -18.05
CA TRP A 177 -7.64 5.84 -17.55
C TRP A 177 -6.92 6.73 -18.56
N ARG A 178 -6.14 7.69 -18.04
CA ARG A 178 -5.30 8.54 -18.85
C ARG A 178 -3.91 8.63 -18.23
N MET A 179 -2.88 8.63 -19.08
N MET A 179 -2.89 8.65 -19.08
CA MET A 179 -1.53 8.81 -18.58
CA MET A 179 -1.53 8.81 -18.57
C MET A 179 -1.36 10.20 -17.98
C MET A 179 -1.36 10.20 -17.98
N ILE A 180 -0.54 10.29 -16.92
CA ILE A 180 -0.13 11.57 -16.36
C ILE A 180 1.38 11.70 -16.54
N THR A 181 1.93 12.83 -16.13
CA THR A 181 3.36 13.03 -16.22
C THR A 181 4.10 11.90 -15.53
N PRO A 182 5.12 11.32 -16.14
CA PRO A 182 5.86 10.25 -15.47
C PRO A 182 6.76 10.80 -14.38
N MET A 183 7.07 9.94 -13.42
CA MET A 183 8.00 10.29 -12.36
C MET A 183 9.39 10.56 -12.91
N ASN A 184 10.20 11.25 -12.10
CA ASN A 184 11.61 11.37 -12.45
C ASN A 184 12.39 10.08 -12.29
N THR A 185 11.87 9.13 -11.52
CA THR A 185 12.59 7.92 -11.16
C THR A 185 11.74 6.70 -11.45
N ILE A 186 12.36 5.63 -11.97
CA ILE A 186 11.69 4.34 -12.06
C ILE A 186 11.49 3.79 -10.66
N ARG A 187 10.28 3.35 -10.34
CA ARG A 187 10.03 2.85 -8.99
C ARG A 187 9.03 1.70 -9.04
N SER A 188 9.50 0.51 -8.66
N SER A 188 9.48 0.50 -8.64
CA SER A 188 8.66 -0.63 -8.34
CA SER A 188 8.59 -0.62 -8.37
C SER A 188 8.64 -0.80 -6.83
C SER A 188 8.64 -0.89 -6.88
N GLY A 189 7.47 -1.11 -6.27
CA GLY A 189 7.42 -1.35 -4.82
C GLY A 189 7.65 -0.10 -4.00
N ALA A 190 7.28 1.04 -4.53
CA ALA A 190 7.35 2.28 -3.77
C ALA A 190 6.18 2.38 -2.82
N GLY A 191 6.32 3.21 -1.79
CA GLY A 191 5.15 3.63 -1.05
C GLY A 191 4.52 4.87 -1.65
N VAL A 192 3.22 4.81 -1.94
CA VAL A 192 2.50 5.91 -2.58
C VAL A 192 1.31 6.32 -1.73
N CYS A 193 1.20 7.59 -1.43
CA CYS A 193 0.08 8.02 -0.62
C CYS A 193 -0.20 9.47 -1.03
N VAL A 194 -1.20 10.10 -0.39
CA VAL A 194 -1.58 11.49 -0.66
C VAL A 194 -1.48 12.31 0.59
N LEU A 195 -0.91 13.51 0.45
CA LEU A 195 -0.78 14.44 1.56
C LEU A 195 -0.98 15.83 0.99
N HIS A 196 -2.02 16.52 1.45
CA HIS A 196 -2.41 17.84 0.95
C HIS A 196 -2.80 17.67 -0.52
N ASN A 197 -2.21 18.40 -1.44
CA ASN A 197 -2.65 18.34 -2.82
C ASN A 197 -1.71 17.53 -3.66
N CYS A 198 -0.91 16.66 -3.03
CA CYS A 198 0.17 16.00 -3.73
C CYS A 198 0.12 14.48 -3.53
N ILE A 199 0.44 13.76 -4.60
N ILE A 199 0.52 13.75 -4.58
CA ILE A 199 0.77 12.34 -4.51
CA ILE A 199 0.76 12.31 -4.50
C ILE A 199 2.25 12.24 -4.17
C ILE A 199 2.24 12.10 -4.27
N TYR A 200 2.59 11.43 -3.17
CA TYR A 200 3.99 11.18 -2.84
C TYR A 200 4.36 9.77 -3.26
N ALA A 201 5.56 9.60 -3.82
CA ALA A 201 6.13 8.29 -4.13
C ALA A 201 7.48 8.18 -3.40
N ALA A 202 7.53 7.31 -2.39
CA ALA A 202 8.71 7.19 -1.53
C ALA A 202 9.37 5.85 -1.76
N GLY A 203 10.67 5.87 -2.05
CA GLY A 203 11.40 4.63 -2.12
C GLY A 203 11.06 3.80 -3.33
N GLY A 204 11.20 2.51 -3.16
CA GLY A 204 11.02 1.57 -4.23
C GLY A 204 12.34 1.03 -4.74
N TYR A 205 12.25 0.27 -5.83
CA TYR A 205 13.39 -0.32 -6.52
C TYR A 205 13.42 0.20 -7.95
N ASP A 206 14.59 0.68 -8.40
CA ASP A 206 14.67 1.25 -9.73
C ASP A 206 15.17 0.25 -10.77
N GLY A 207 15.35 -1.01 -10.37
CA GLY A 207 15.98 -2.01 -11.21
C GLY A 207 17.42 -2.29 -10.84
N GLN A 208 18.04 -1.42 -10.04
CA GLN A 208 19.43 -1.60 -9.63
C GLN A 208 19.56 -1.50 -8.11
N ASP A 209 18.93 -0.51 -7.51
CA ASP A 209 19.12 -0.27 -6.08
C ASP A 209 17.79 0.07 -5.43
N GLN A 210 17.70 -0.24 -4.14
CA GLN A 210 16.61 0.31 -3.34
C GLN A 210 16.86 1.80 -3.16
N LEU A 211 15.78 2.57 -3.12
CA LEU A 211 15.82 4.04 -3.14
C LEU A 211 15.47 4.63 -1.78
N ASN A 212 16.14 5.73 -1.42
CA ASN A 212 15.64 6.58 -0.34
C ASN A 212 15.00 7.86 -0.86
N SER A 213 15.02 8.10 -2.17
CA SER A 213 14.47 9.34 -2.70
C SER A 213 12.96 9.35 -2.63
N VAL A 214 12.40 10.56 -2.57
CA VAL A 214 10.96 10.76 -2.47
C VAL A 214 10.57 11.87 -3.42
N GLU A 215 9.49 11.66 -4.20
CA GLU A 215 9.06 12.73 -5.09
C GLU A 215 7.56 12.89 -4.93
N ARG A 216 7.08 14.09 -5.27
CA ARG A 216 5.65 14.34 -5.14
C ARG A 216 5.10 15.02 -6.38
N TYR A 217 3.89 14.59 -6.74
CA TYR A 217 3.17 15.08 -7.91
C TYR A 217 2.14 16.08 -7.43
N ASP A 218 2.21 17.30 -7.94
CA ASP A 218 1.24 18.36 -7.70
C ASP A 218 0.18 18.30 -8.79
N VAL A 219 -1.06 17.97 -8.41
CA VAL A 219 -2.07 17.69 -9.42
C VAL A 219 -2.37 18.95 -10.22
N GLU A 220 -2.10 20.12 -9.64
CA GLU A 220 -2.38 21.37 -10.35
C GLU A 220 -1.34 21.66 -11.42
N THR A 221 -0.06 21.51 -11.09
CA THR A 221 1.02 21.85 -12.00
C THR A 221 1.44 20.67 -12.89
N GLU A 222 1.02 19.45 -12.55
CA GLU A 222 1.35 18.24 -13.32
C GLU A 222 2.86 17.98 -13.34
N THR A 223 3.54 18.36 -12.26
CA THR A 223 4.98 18.16 -12.15
C THR A 223 5.30 17.28 -10.94
N TRP A 224 6.36 16.48 -11.11
CA TRP A 224 6.94 15.73 -10.01
C TRP A 224 8.18 16.47 -9.50
N THR A 225 8.30 16.61 -8.17
CA THR A 225 9.39 17.33 -7.53
C THR A 225 9.93 16.48 -6.38
N PHE A 226 11.25 16.43 -6.25
CA PHE A 226 11.83 15.69 -5.14
C PHE A 226 11.73 16.49 -3.84
N VAL A 227 11.50 15.76 -2.74
CA VAL A 227 11.49 16.34 -1.39
C VAL A 227 12.66 15.69 -0.65
N ALA A 228 12.78 15.97 0.64
CA ALA A 228 13.87 15.37 1.41
C ALA A 228 13.84 13.85 1.25
N PRO A 229 14.99 13.21 1.12
CA PRO A 229 15.01 11.74 1.07
C PRO A 229 14.86 11.14 2.46
N MET A 230 14.41 9.88 2.47
CA MET A 230 14.24 9.11 3.69
C MET A 230 15.63 8.86 4.29
N ARG A 231 15.64 8.54 5.59
CA ARG A 231 16.90 8.17 6.21
C ARG A 231 17.41 6.84 5.69
N HIS A 232 16.50 5.91 5.33
CA HIS A 232 16.86 4.60 4.83
C HIS A 232 16.36 4.38 3.41
N HIS A 233 17.20 3.74 2.60
CA HIS A 233 16.74 3.12 1.37
C HIS A 233 15.74 2.03 1.71
N ARG A 234 14.64 1.99 0.96
CA ARG A 234 13.57 1.05 1.26
C ARG A 234 12.78 0.68 0.02
N SER A 235 12.57 -0.60 -0.21
N SER A 235 12.58 -0.62 -0.18
CA SER A 235 11.59 -1.04 -1.18
CA SER A 235 11.65 -1.15 -1.16
C SER A 235 10.59 -1.94 -0.47
C SER A 235 10.59 -2.00 -0.45
N ALA A 236 9.43 -2.12 -1.09
CA ALA A 236 8.32 -2.89 -0.52
C ALA A 236 8.03 -2.41 0.89
N LEU A 237 7.97 -1.09 1.04
CA LEU A 237 7.65 -0.46 2.32
C LEU A 237 6.16 -0.27 2.46
N GLY A 238 5.71 -0.19 3.71
CA GLY A 238 4.35 0.22 4.03
C GLY A 238 4.33 1.73 4.19
N ILE A 239 3.17 2.33 3.91
CA ILE A 239 3.04 3.78 3.95
C ILE A 239 1.62 4.16 4.30
N THR A 240 1.48 5.25 5.07
CA THR A 240 0.18 5.84 5.34
C THR A 240 0.40 7.28 5.75
N VAL A 241 -0.71 7.99 5.88
CA VAL A 241 -0.70 9.37 6.34
C VAL A 241 -1.53 9.44 7.61
N HIS A 242 -1.05 10.21 8.58
CA HIS A 242 -1.73 10.35 9.87
C HIS A 242 -1.38 11.72 10.39
N GLN A 243 -2.39 12.53 10.68
CA GLN A 243 -2.20 13.86 11.25
C GLN A 243 -1.21 14.69 10.45
N GLY A 244 -1.42 14.71 9.15
CA GLY A 244 -0.67 15.58 8.28
C GLY A 244 0.78 15.20 8.07
N LYS A 245 1.14 13.97 8.42
N LYS A 245 1.13 13.95 8.39
CA LYS A 245 2.50 13.46 8.24
CA LYS A 245 2.50 13.46 8.25
C LYS A 245 2.42 12.13 7.53
C LYS A 245 2.45 12.09 7.59
N ILE A 246 3.49 11.80 6.81
CA ILE A 246 3.63 10.49 6.15
C ILE A 246 4.42 9.59 7.08
N TYR A 247 3.95 8.35 7.24
CA TYR A 247 4.68 7.33 7.98
C TYR A 247 5.07 6.22 7.01
N VAL A 248 6.34 5.84 7.01
CA VAL A 248 6.81 4.71 6.22
C VAL A 248 7.26 3.63 7.20
N LEU A 249 6.90 2.38 6.90
CA LEU A 249 7.12 1.26 7.81
C LEU A 249 7.86 0.15 7.10
N GLY A 250 9.03 -0.19 7.62
CA GLY A 250 9.68 -1.41 7.17
C GLY A 250 10.20 -1.28 5.75
N GLY A 251 10.26 -2.43 5.08
CA GLY A 251 10.82 -2.53 3.75
C GLY A 251 12.15 -3.25 3.79
N TYR A 252 12.79 -3.29 2.62
CA TYR A 252 14.03 -4.02 2.41
C TYR A 252 15.04 -3.01 1.88
N ASP A 253 16.22 -2.92 2.52
CA ASP A 253 17.17 -1.89 2.10
C ASP A 253 18.30 -2.45 1.27
N GLY A 254 18.20 -3.70 0.83
CA GLY A 254 19.26 -4.37 0.11
C GLY A 254 20.10 -5.27 0.99
N HIS A 255 19.93 -5.18 2.31
CA HIS A 255 20.74 -5.97 3.24
C HIS A 255 19.89 -6.58 4.34
N THR A 256 19.01 -5.77 4.91
CA THR A 256 18.16 -6.13 6.03
C THR A 256 16.71 -5.86 5.70
N PHE A 257 15.82 -6.65 6.30
CA PHE A 257 14.41 -6.27 6.41
C PHE A 257 14.27 -5.31 7.58
N LEU A 258 13.86 -4.09 7.27
CA LEU A 258 13.92 -2.99 8.22
C LEU A 258 12.80 -3.08 9.24
N ASP A 259 13.10 -2.73 10.48
CA ASP A 259 12.05 -2.47 11.46
C ASP A 259 11.80 -0.97 11.63
N SER A 260 12.56 -0.13 10.95
N SER A 260 12.56 -0.12 10.96
CA SER A 260 12.45 1.31 11.12
CA SER A 260 12.47 1.32 11.18
C SER A 260 11.12 1.86 10.65
C SER A 260 11.16 1.88 10.65
N VAL A 261 10.58 2.82 11.40
CA VAL A 261 9.43 3.61 10.99
C VAL A 261 9.88 5.06 10.96
N GLU A 262 9.74 5.73 9.81
CA GLU A 262 10.11 7.14 9.69
C GLU A 262 8.85 7.96 9.41
N CYS A 263 8.95 9.25 9.75
CA CYS A 263 7.83 10.17 9.68
C CYS A 263 8.29 11.41 8.93
N TYR A 264 7.55 11.81 7.90
CA TYR A 264 7.86 12.99 7.11
C TYR A 264 6.95 14.13 7.51
N ASP A 265 7.54 15.28 7.82
CA ASP A 265 6.81 16.48 8.15
C ASP A 265 6.94 17.41 6.93
N PRO A 266 5.87 17.69 6.20
CA PRO A 266 6.00 18.55 5.01
C PRO A 266 6.34 19.98 5.33
N ASP A 267 6.07 20.45 6.54
CA ASP A 267 6.31 21.86 6.89
C ASP A 267 7.80 22.12 7.03
N SER A 268 8.54 21.18 7.60
CA SER A 268 9.99 21.29 7.71
C SER A 268 10.73 20.56 6.61
N ASP A 269 10.04 19.75 5.80
CA ASP A 269 10.68 18.93 4.79
C ASP A 269 11.80 18.10 5.40
N THR A 270 11.46 17.37 6.50
CA THR A 270 12.39 16.49 7.19
C THR A 270 11.74 15.15 7.50
N TRP A 271 12.57 14.12 7.53
CA TRP A 271 12.19 12.78 7.97
C TRP A 271 12.83 12.52 9.32
N SER A 272 12.07 11.93 10.23
N SER A 272 12.06 11.94 10.24
CA SER A 272 12.57 11.61 11.56
CA SER A 272 12.57 11.60 11.55
C SER A 272 12.18 10.19 11.93
C SER A 272 12.22 10.15 11.83
N GLU A 273 13.12 9.46 12.52
CA GLU A 273 12.84 8.11 12.99
C GLU A 273 11.93 8.20 14.21
N VAL A 274 10.82 7.46 14.23
CA VAL A 274 9.86 7.69 15.30
C VAL A 274 9.66 6.48 16.20
N THR A 275 9.90 5.29 15.66
CA THR A 275 9.70 4.06 16.41
C THR A 275 10.25 2.91 15.57
N ARG A 276 10.22 1.72 16.12
CA ARG A 276 10.62 0.53 15.41
C ARG A 276 9.49 -0.46 15.52
N MET A 277 9.21 -1.17 14.43
N MET A 277 9.23 -1.18 14.44
CA MET A 277 8.30 -2.30 14.52
CA MET A 277 8.32 -2.32 14.50
C MET A 277 8.90 -3.38 15.42
C MET A 277 8.90 -3.40 15.40
N THR A 278 8.03 -4.31 15.83
CA THR A 278 8.47 -5.40 16.70
C THR A 278 9.48 -6.32 16.03
N SER A 279 9.51 -6.35 14.70
CA SER A 279 10.51 -7.13 13.97
C SER A 279 10.58 -6.55 12.57
N GLY A 280 11.71 -6.76 11.89
CA GLY A 280 11.83 -6.29 10.52
C GLY A 280 11.00 -7.10 9.54
N ARG A 281 10.45 -6.42 8.54
CA ARG A 281 9.60 -7.04 7.53
C ARG A 281 9.38 -6.10 6.37
N SER A 282 9.03 -6.69 5.23
CA SER A 282 8.64 -5.92 4.06
C SER A 282 7.26 -6.37 3.59
N GLY A 283 6.70 -5.63 2.64
CA GLY A 283 5.49 -6.09 1.97
C GLY A 283 4.23 -6.10 2.83
N VAL A 284 4.11 -5.12 3.74
CA VAL A 284 3.01 -5.01 4.69
C VAL A 284 1.89 -4.16 4.10
N GLY A 285 0.69 -4.39 4.60
CA GLY A 285 -0.43 -3.50 4.35
C GLY A 285 -0.65 -2.60 5.55
N VAL A 286 -0.92 -1.34 5.28
CA VAL A 286 -0.95 -0.34 6.34
C VAL A 286 -2.19 0.52 6.16
N ALA A 287 -2.85 0.85 7.26
CA ALA A 287 -3.97 1.78 7.21
C ALA A 287 -4.24 2.31 8.59
N VAL A 288 -5.11 3.32 8.68
CA VAL A 288 -5.36 4.03 9.91
C VAL A 288 -6.83 3.91 10.26
N THR A 289 -7.13 3.51 11.50
CA THR A 289 -8.50 3.50 11.96
C THR A 289 -8.53 3.55 13.48
N MET A 290 -9.74 3.54 14.03
CA MET A 290 -9.91 3.67 15.47
C MET A 290 -9.15 2.56 16.19
N GLU A 291 -8.79 2.83 17.42
CA GLU A 291 -8.13 1.82 18.24
C GLU A 291 -9.11 0.72 18.64
N PRO A 292 -8.60 -0.50 18.88
CA PRO A 292 -9.47 -1.64 19.17
C PRO A 292 -9.97 -1.64 20.60
N CYS A 293 -10.58 -2.75 21.02
CA CYS A 293 -11.10 -2.83 22.38
C CYS A 293 -10.56 -4.07 23.08
C1 A1IX4 B . 9.78 -6.16 -9.35
C3 A1IX4 B . 9.15 -5.77 -7.00
C4 A1IX4 B . 8.12 -5.72 -5.88
C6 A1IX4 B . 7.06 -6.53 -3.85
N1 A1IX4 B . 9.00 -9.63 -0.88
C2 A1IX4 B . 8.88 -6.68 -8.21
C11 A1IX4 B . 10.33 -9.20 -0.45
C5 A1IX4 B . 8.04 -6.68 -4.87
C14 A1IX4 B . 13.08 -9.16 -2.32
C7 A1IX4 B . 6.92 -7.47 -2.83
C8 A1IX4 B . 5.94 -7.32 -1.85
C10 A1IX4 B . 7.87 -9.05 -0.43
C16 A1IX4 B . 11.00 -7.58 -2.53
C12 A1IX4 B . 11.46 -10.25 -0.59
C13 A1IX4 B . 12.86 -9.64 -0.86
C17 A1IX4 B . 10.66 -7.78 -1.03
C15 A1IX4 B . 11.85 -8.71 -3.14
C18 A1IX4 B . 5.09 -6.20 -1.87
C19 A1IX4 B . 5.19 -5.24 -2.86
C9 A1IX4 B . 6.47 -9.47 -0.85
O1 A1IX4 B . 10.49 -5.13 -9.27
O2 A1IX4 B . 5.76 -8.21 -0.82
C20 A1IX4 B . 6.19 -5.39 -3.85
C21 A1IX4 B . 6.31 -4.46 -4.86
C22 A1IX4 B . 7.27 -4.63 -5.85
C23 A1IX4 B . 10.59 -5.84 -6.37
C24 A1IX4 B . 11.49 -6.90 -6.64
C25 A1IX4 B . 12.74 -6.90 -6.02
C26 A1IX4 B . 13.13 -5.91 -5.15
C27 A1IX4 B . 12.29 -4.87 -4.85
C28 A1IX4 B . 11.03 -4.84 -5.45
C29 A1IX4 B . 10.21 -3.65 -5.04
C30 A1IX4 B . 14.70 -7.42 -5.13
O3 A1IX4 B . 7.92 -8.12 0.36
O4 A1IX4 B . 14.38 -6.12 -4.68
O5 A1IX4 B . 13.77 -7.79 -6.13
O6 A1IX4 B . 9.71 -6.97 -10.43
HC3 A1IX4 B . 9.01 -4.80 -7.50
HN1 A1IX4 B . 8.96 -10.39 -1.55
H21 A1IX4 B . 9.13 -7.71 -7.97
H22 A1IX4 B . 7.83 -6.63 -8.51
HC11 A1IX4 B . 10.21 -9.10 0.64
HC5 A1IX4 B . 8.71 -7.52 -4.86
H141 A1IX4 B . 13.61 -9.94 -2.87
H142 A1IX4 B . 13.82 -8.37 -2.32
HC7 A1IX4 B . 7.56 -8.34 -2.80
H162 A1IX4 B . 10.09 -7.45 -3.10
H161 A1IX4 B . 11.51 -6.63 -2.66
H121 A1IX4 B . 11.20 -10.94 -1.40
H122 A1IX4 B . 11.50 -10.87 0.31
H131 A1IX4 B . 13.63 -10.36 -0.59
H132 A1IX4 B . 13.03 -8.82 -0.17
H171 A1IX4 B . 11.43 -7.31 -0.41
H172 A1IX4 B . 9.86 -7.09 -0.74
H152 A1IX4 B . 11.22 -9.58 -3.35
H151 A1IX4 B . 12.17 -8.43 -4.15
HC18 A1IX4 B . 4.35 -6.08 -1.10
HC19 A1IX4 B . 4.52 -4.40 -2.88
H91 A1IX4 B . 6.49 -9.87 -1.87
H92 A1IX4 B . 6.05 -10.17 -0.13
HC21 A1IX4 B . 5.67 -3.59 -4.90
HC22 A1IX4 B . 7.34 -3.87 -6.62
HC24 A1IX4 B . 11.19 -7.70 -7.31
HC27 A1IX4 B . 12.61 -4.11 -4.16
H292 A1IX4 B . 9.55 -3.35 -5.86
H293 A1IX4 B . 10.87 -2.82 -4.78
H291 A1IX4 B . 9.61 -3.90 -4.16
H302 A1IX4 B . 14.62 -8.11 -4.29
H301 A1IX4 B . 15.69 -7.42 -5.55
S SO4 C . -5.26 -9.27 -16.80
O1 SO4 C . -4.15 -10.01 -16.20
O2 SO4 C . -5.21 -9.27 -18.26
O3 SO4 C . -6.56 -9.81 -16.43
O4 SO4 C . -5.23 -7.84 -16.38
S SO4 D . 2.34 -10.53 -18.85
O1 SO4 D . 3.30 -11.02 -17.86
O2 SO4 D . 2.19 -11.50 -19.95
O3 SO4 D . 1.08 -10.39 -18.15
O4 SO4 D . 2.80 -9.23 -19.37
S DMS E . -0.13 -11.08 -24.57
O DMS E . 1.23 -10.53 -24.30
C1 DMS E . -1.29 -9.76 -24.99
C2 DMS E . -0.84 -11.80 -23.05
H11 DMS E . -2.27 -10.02 -24.68
H12 DMS E . -1.29 -9.60 -26.04
H13 DMS E . -0.99 -8.86 -24.50
H21 DMS E . -0.14 -11.76 -22.28
H22 DMS E . -1.11 -12.81 -23.24
H23 DMS E . -1.71 -11.25 -22.78
S DMS F . -18.54 -7.94 -13.45
O DMS F . -19.66 -8.13 -12.48
C1 DMS F . -18.72 -9.15 -14.79
C2 DMS F . -17.02 -8.55 -12.68
H11 DMS F . -18.00 -8.97 -15.54
H12 DMS F . -19.70 -9.06 -15.21
H13 DMS F . -18.60 -10.13 -14.40
H21 DMS F . -16.18 -8.12 -13.16
H22 DMS F . -16.97 -9.60 -12.75
H23 DMS F . -17.00 -8.27 -11.66
S DMS G . -6.82 -16.96 -1.15
O DMS G . -7.33 -16.67 -2.51
C1 DMS G . -6.01 -18.60 -1.13
C2 DMS G . -8.21 -17.21 -0.03
H11 DMS G . -5.43 -18.70 -0.25
H12 DMS G . -5.38 -18.69 -1.99
H13 DMS G . -6.75 -19.35 -1.16
H21 DMS G . -8.77 -18.06 -0.32
H22 DMS G . -8.84 -16.36 -0.04
H23 DMS G . -7.86 -17.35 0.97
CL CL H . 6.41 -12.04 -3.66
#